data_1AO4
# 
_entry.id   1AO4 
# 
_audit_conform.dict_name       mmcif_pdbx.dic 
_audit_conform.dict_version    5.383 
_audit_conform.dict_location   http://mmcif.pdb.org/dictionaries/ascii/mmcif_pdbx.dic 
# 
loop_
_database_2.database_id 
_database_2.database_code 
_database_2.pdbx_database_accession 
_database_2.pdbx_DOI 
PDB   1AO4         pdb_00001ao4 10.2210/pdb1ao4/pdb 
RCSB  RCSB001215   ?            ?                   
WWPDB D_1000001215 ?            ?                   
# 
loop_
_pdbx_audit_revision_history.ordinal 
_pdbx_audit_revision_history.data_content_type 
_pdbx_audit_revision_history.major_revision 
_pdbx_audit_revision_history.minor_revision 
_pdbx_audit_revision_history.revision_date 
1 'Structure model' 1 0 1999-07-30 
2 'Structure model' 1 1 2008-04-26 
3 'Structure model' 1 2 2011-07-13 
4 'Structure model' 2 0 2020-07-29 
5 'Structure model' 2 1 2023-12-27 
# 
loop_
_pdbx_audit_revision_details.ordinal 
_pdbx_audit_revision_details.revision_ordinal 
_pdbx_audit_revision_details.data_content_type 
_pdbx_audit_revision_details.provider 
_pdbx_audit_revision_details.type 
_pdbx_audit_revision_details.description 
_pdbx_audit_revision_details.details 
1 1 'Structure model' repository 'Initial release' ?                          ? 
2 4 'Structure model' repository Remediation       'Carbohydrate remediation' ? 
# 
loop_
_pdbx_audit_revision_group.ordinal 
_pdbx_audit_revision_group.revision_ordinal 
_pdbx_audit_revision_group.data_content_type 
_pdbx_audit_revision_group.group 
1 2 'Structure model' 'Version format compliance' 
2 3 'Structure model' 'Version format compliance' 
3 4 'Structure model' 'Atomic model'              
4 4 'Structure model' 'Data collection'           
5 4 'Structure model' 'Derived calculations'      
6 4 'Structure model' 'Structure summary'         
7 5 'Structure model' 'Data collection'           
8 5 'Structure model' 'Database references'       
9 5 'Structure model' 'Structure summary'         
# 
loop_
_pdbx_audit_revision_category.ordinal 
_pdbx_audit_revision_category.revision_ordinal 
_pdbx_audit_revision_category.data_content_type 
_pdbx_audit_revision_category.category 
1  4 'Structure model' atom_site                     
2  4 'Structure model' chem_comp                     
3  4 'Structure model' entity                        
4  4 'Structure model' pdbx_branch_scheme            
5  4 'Structure model' pdbx_chem_comp_identifier     
6  4 'Structure model' pdbx_entity_branch            
7  4 'Structure model' pdbx_entity_branch_descriptor 
8  4 'Structure model' pdbx_entity_branch_link       
9  4 'Structure model' pdbx_entity_branch_list       
10 4 'Structure model' pdbx_entity_nonpoly           
11 4 'Structure model' pdbx_nonpoly_scheme           
12 4 'Structure model' pdbx_struct_assembly_gen      
13 4 'Structure model' pdbx_struct_conn_angle        
14 4 'Structure model' struct_asym                   
15 4 'Structure model' struct_conn                   
16 4 'Structure model' struct_site                   
17 4 'Structure model' struct_site_gen               
18 5 'Structure model' chem_comp                     
19 5 'Structure model' chem_comp_atom                
20 5 'Structure model' chem_comp_bond                
21 5 'Structure model' database_2                    
# 
loop_
_pdbx_audit_revision_item.ordinal 
_pdbx_audit_revision_item.revision_ordinal 
_pdbx_audit_revision_item.data_content_type 
_pdbx_audit_revision_item.item 
1  4 'Structure model' '_atom_site.Cartn_x'                          
2  4 'Structure model' '_atom_site.Cartn_y'                          
3  4 'Structure model' '_atom_site.Cartn_z'                          
4  4 'Structure model' '_atom_site.auth_atom_id'                     
5  4 'Structure model' '_atom_site.auth_comp_id'                     
6  4 'Structure model' '_atom_site.auth_seq_id'                      
7  4 'Structure model' '_atom_site.label_asym_id'                    
8  4 'Structure model' '_atom_site.label_atom_id'                    
9  4 'Structure model' '_atom_site.label_comp_id'                    
10 4 'Structure model' '_atom_site.label_entity_id'                  
11 4 'Structure model' '_atom_site.type_symbol'                      
12 4 'Structure model' '_chem_comp.mon_nstd_flag'                    
13 4 'Structure model' '_chem_comp.name'                             
14 4 'Structure model' '_chem_comp.type'                             
15 4 'Structure model' '_pdbx_struct_assembly_gen.asym_id_list'      
16 4 'Structure model' '_pdbx_struct_conn_angle.ptnr1_label_asym_id' 
17 4 'Structure model' '_pdbx_struct_conn_angle.ptnr2_label_asym_id' 
18 4 'Structure model' '_pdbx_struct_conn_angle.ptnr3_label_asym_id' 
19 4 'Structure model' '_struct_conn.pdbx_dist_value'                
20 4 'Structure model' '_struct_conn.pdbx_leaving_atom_flag'         
21 4 'Structure model' '_struct_conn.pdbx_value_order'               
22 4 'Structure model' '_struct_conn.ptnr1_label_asym_id'            
23 4 'Structure model' '_struct_conn.ptnr1_label_atom_id'            
24 4 'Structure model' '_struct_conn.ptnr2_label_asym_id'            
25 4 'Structure model' '_struct_conn.ptnr2_label_atom_id'            
26 5 'Structure model' '_chem_comp.pdbx_synonyms'                    
27 5 'Structure model' '_database_2.pdbx_DOI'                        
28 5 'Structure model' '_database_2.pdbx_database_accession'         
# 
_pdbx_database_status.status_code                     REL 
_pdbx_database_status.entry_id                        1AO4 
_pdbx_database_status.recvd_initial_deposition_date   1997-07-16 
_pdbx_database_status.deposit_site                    BNL 
_pdbx_database_status.process_site                    RCSB 
_pdbx_database_status.status_code_mr                  REL 
_pdbx_database_status.SG_entry                        . 
_pdbx_database_status.pdb_format_compatible           Y 
_pdbx_database_status.status_code_sf                  ? 
_pdbx_database_status.status_code_cs                  ? 
_pdbx_database_status.status_code_nmr_data            ? 
_pdbx_database_status.methods_development_category    ? 
# 
loop_
_audit_author.name 
_audit_author.pdbx_ordinal 
'Caceres-Cortes, J.' 1 
'Sugiyama, H.'       2 
'Ikudome, K.'        3 
'Saito, I.'          4 
'Wang, A.H.-J.'      5 
# 
_citation.id                        primary 
_citation.title                     
'Structures of cobalt(III)-pepleomycin and cobalt(III)-deglycopepleomycin (green forms) determined by NMR studies.' 
_citation.journal_abbrev            Eur.J.Biochem. 
_citation.journal_volume            244 
_citation.page_first                818 
_citation.page_last                 828 
_citation.year                      1997 
_citation.journal_id_ASTM           EJBCAI 
_citation.country                   IX 
_citation.journal_id_ISSN           0014-2956 
_citation.journal_id_CSD            0262 
_citation.book_publisher            ? 
_citation.pdbx_database_id_PubMed   9108252 
_citation.pdbx_database_id_DOI      10.1111/j.1432-1033.1997.00818.x 
# 
loop_
_citation_author.citation_id 
_citation_author.name 
_citation_author.ordinal 
_citation_author.identifier_ORCID 
primary 'Caceres-Cortes, J.' 1 ? 
primary 'Sugiyama, H.'       2 ? 
primary 'Ikudome, K.'        3 ? 
primary 'Saito, I.'          4 ? 
primary 'Wang, A.H.'         5 ? 
# 
loop_
_entity.id 
_entity.type 
_entity.src_method 
_entity.pdbx_description 
_entity.formula_weight 
_entity.pdbx_number_of_molecules 
_entity.pdbx_ec 
_entity.pdbx_mutation 
_entity.pdbx_fragment 
_entity.details 
1 branched    man '3-O-carbamoyl-alpha-D-mannopyranose-(1-2)-alpha-L-gulopyranose' 385.322  1 ? ? ? ? 
2 non-polymer syn 'AGLYCON OF PEPLOMYCIN'                                          1106.283 1 ? ? ? ? 
3 non-polymer syn 'COBALT (III) ION'                                               58.933   1 ? ? ? ? 
4 non-polymer syn 'HYDROGEN PEROXIDE'                                              34.015   1 ? ? ? ? 
# 
loop_
_pdbx_entity_nonpoly.entity_id 
_pdbx_entity_nonpoly.name 
_pdbx_entity_nonpoly.comp_id 
2 'AGLYCON OF PEPLOMYCIN' PMY 
3 'COBALT (III) ION'      3CO 
4 'HYDROGEN PEROXIDE'     PEO 
# 
_pdbx_entity_branch.entity_id   1 
_pdbx_entity_branch.type        oligosaccharide 
# 
loop_
_pdbx_entity_branch_descriptor.ordinal 
_pdbx_entity_branch_descriptor.entity_id 
_pdbx_entity_branch_descriptor.descriptor 
_pdbx_entity_branch_descriptor.type 
_pdbx_entity_branch_descriptor.program 
_pdbx_entity_branch_descriptor.program_version 
1 1 'WURCS=2.0/2,2,1/[a1121h-1a_1-5][a1122h-1a_1-5_3*OCN/3=O]/1-2/a2-b1' WURCS  PDB2Glycan 1.1.0 
2 1 '[][L-1-deoxy-Gulp]{[(2+1)][a-D-Manp]{[(3+1)][&lt;C1N1O1&gt;]{}}}'   LINUCS PDB-CARE   ?     
# 
_pdbx_entity_branch_link.link_id                    1 
_pdbx_entity_branch_link.entity_id                  1 
_pdbx_entity_branch_link.entity_branch_list_num_1   2 
_pdbx_entity_branch_link.comp_id_1                  3FM 
_pdbx_entity_branch_link.atom_id_1                  C1 
_pdbx_entity_branch_link.leaving_atom_id_1          O1 
_pdbx_entity_branch_link.entity_branch_list_num_2   1 
_pdbx_entity_branch_link.comp_id_2                  GUP 
_pdbx_entity_branch_link.atom_id_2                  O2 
_pdbx_entity_branch_link.leaving_atom_id_2          HO2 
_pdbx_entity_branch_link.value_order                sing 
_pdbx_entity_branch_link.details                    ? 
# 
loop_
_chem_comp.id 
_chem_comp.type 
_chem_comp.mon_nstd_flag 
_chem_comp.name 
_chem_comp.pdbx_synonyms 
_chem_comp.formula 
_chem_comp.formula_weight 
3CO non-polymer                   . 'COBALT (III) ION'                  ? 'Co 3'               58.933   
3FM 'D-saccharide, alpha linking' n 3-O-carbamoyl-alpha-D-mannopyranose 
'3-O-FORMAMIDO-ALPHA-D-MANNOPYRANOSIDE; 3-O-carbamoyl-alpha-D-mannose; 3-O-carbamoyl-D-mannose; 3-O-carbamoyl-mannose' 
'C7 H13 N O7'        223.181  
GUP 'L-saccharide, alpha linking' . alpha-L-gulopyranose                'alpha-L-gulose; L-gulose; gulose; ALPHA-L-GULOPYRANOSIDE' 
'C6 H12 O6'          180.156  
PEO non-polymer                   . 'HYDROGEN PEROXIDE'                 ? 'H2 O2'              34.015   
PMY non-polymer                   . 'AGLYCON OF PEPLOMYCIN'             
'AGLYCON OF (S)-N1-[3-[(1-PHENYLETHYL)AMINO]-PROPYL]BLEOMYCINAMIDE'                                                    
'C48 H67 N17 O10 S2' 1106.283 
# 
loop_
_pdbx_chem_comp_identifier.comp_id 
_pdbx_chem_comp_identifier.type 
_pdbx_chem_comp_identifier.program 
_pdbx_chem_comp_identifier.program_version 
_pdbx_chem_comp_identifier.identifier 
GUP 'CONDENSED IUPAC CARBOHYDRATE SYMBOL' GMML     1.0 LGulpa           
GUP 'COMMON NAME'                         GMML     1.0 a-L-gulopyranose 
GUP 'IUPAC CARBOHYDRATE SYMBOL'           PDB-CARE 1.0 a-L-Gulp         
GUP 'SNFG CARBOHYDRATE SYMBOL'            GMML     1.0 Gul              
# 
loop_
_pdbx_branch_scheme.asym_id 
_pdbx_branch_scheme.entity_id 
_pdbx_branch_scheme.mon_id 
_pdbx_branch_scheme.num 
_pdbx_branch_scheme.pdb_asym_id 
_pdbx_branch_scheme.pdb_mon_id 
_pdbx_branch_scheme.pdb_seq_num 
_pdbx_branch_scheme.auth_asym_id 
_pdbx_branch_scheme.auth_mon_id 
_pdbx_branch_scheme.auth_seq_num 
_pdbx_branch_scheme.hetero 
A 1 GUP 1 A GUP 1 A GUP 1 n 
A 1 3FM 2 A 3FM 2 A 3FM 2 n 
# 
loop_
_pdbx_nonpoly_scheme.asym_id 
_pdbx_nonpoly_scheme.entity_id 
_pdbx_nonpoly_scheme.mon_id 
_pdbx_nonpoly_scheme.ndb_seq_num 
_pdbx_nonpoly_scheme.pdb_seq_num 
_pdbx_nonpoly_scheme.auth_seq_num 
_pdbx_nonpoly_scheme.pdb_mon_id 
_pdbx_nonpoly_scheme.auth_mon_id 
_pdbx_nonpoly_scheme.pdb_strand_id 
_pdbx_nonpoly_scheme.pdb_ins_code 
B 2 PMY 1 3 3 PMY PMY A . 
C 3 3CO 1 4 4 3CO 3CO A . 
D 4 PEO 1 5 5 PEO PEO A . 
# 
_cell.entry_id           1AO4 
_cell.length_a           1.000 
_cell.length_b           1.000 
_cell.length_c           1.000 
_cell.angle_alpha        90.00 
_cell.angle_beta         90.00 
_cell.angle_gamma        90.00 
_cell.Z_PDB              1 
_cell.pdbx_unique_axis   ? 
# 
_symmetry.entry_id                         1AO4 
_symmetry.space_group_name_H-M             'P 1' 
_symmetry.pdbx_full_space_group_name_H-M   ? 
_symmetry.cell_setting                     ? 
_symmetry.Int_Tables_number                1 
# 
_exptl.entry_id          1AO4 
_exptl.method            'SOLUTION NMR' 
_exptl.crystals_number   ? 
# 
_struct.entry_id                  1AO4 
_struct.title                     'COBALT(III)-PEPLOMYCIN COMPLEX DETERMINED BY NMR STUDIES' 
_struct.pdbx_model_details        ? 
_struct.pdbx_CASP_flag            ? 
_struct.pdbx_model_type_details   ? 
# 
_struct_keywords.entry_id        1AO4 
_struct_keywords.pdbx_keywords   INHIBITOR 
_struct_keywords.text            
'ANTICANCER DRUGS, PEPLOMYCIN, PEPLEOMYCIN, BLEOMYCIN, DNA, TWO-DIMENSIONAL NMR, SOLUTION STRUCTURES, INHIBITOR' 
# 
loop_
_struct_asym.id 
_struct_asym.pdbx_blank_PDB_chainid_flag 
_struct_asym.pdbx_modified 
_struct_asym.entity_id 
_struct_asym.details 
A N N 1 ? 
B N N 2 ? 
C N N 3 ? 
D N N 4 ? 
# 
_pdbx_struct_assembly.id                   1 
_pdbx_struct_assembly.details              author_defined_assembly 
_pdbx_struct_assembly.method_details       ? 
_pdbx_struct_assembly.oligomeric_details   monomeric 
_pdbx_struct_assembly.oligomeric_count     1 
# 
_pdbx_struct_assembly_gen.assembly_id       1 
_pdbx_struct_assembly_gen.oper_expression   1 
_pdbx_struct_assembly_gen.asym_id_list      A,B,C,D 
# 
_pdbx_struct_oper_list.id                   1 
_pdbx_struct_oper_list.type                 'identity operation' 
_pdbx_struct_oper_list.name                 1_555 
_pdbx_struct_oper_list.symmetry_operation   x,y,z 
_pdbx_struct_oper_list.matrix[1][1]         1.0000000000 
_pdbx_struct_oper_list.matrix[1][2]         0.0000000000 
_pdbx_struct_oper_list.matrix[1][3]         0.0000000000 
_pdbx_struct_oper_list.vector[1]            0.0000000000 
_pdbx_struct_oper_list.matrix[2][1]         0.0000000000 
_pdbx_struct_oper_list.matrix[2][2]         1.0000000000 
_pdbx_struct_oper_list.matrix[2][3]         0.0000000000 
_pdbx_struct_oper_list.vector[2]            0.0000000000 
_pdbx_struct_oper_list.matrix[3][1]         0.0000000000 
_pdbx_struct_oper_list.matrix[3][2]         0.0000000000 
_pdbx_struct_oper_list.matrix[3][3]         1.0000000000 
_pdbx_struct_oper_list.vector[3]            0.0000000000 
# 
_struct_biol.id   1 
# 
loop_
_struct_conn.id 
_struct_conn.conn_type_id 
_struct_conn.pdbx_leaving_atom_flag 
_struct_conn.pdbx_PDB_id 
_struct_conn.ptnr1_label_asym_id 
_struct_conn.ptnr1_label_comp_id 
_struct_conn.ptnr1_label_seq_id 
_struct_conn.ptnr1_label_atom_id 
_struct_conn.pdbx_ptnr1_label_alt_id 
_struct_conn.pdbx_ptnr1_PDB_ins_code 
_struct_conn.pdbx_ptnr1_standard_comp_id 
_struct_conn.ptnr1_symmetry 
_struct_conn.ptnr2_label_asym_id 
_struct_conn.ptnr2_label_comp_id 
_struct_conn.ptnr2_label_seq_id 
_struct_conn.ptnr2_label_atom_id 
_struct_conn.pdbx_ptnr2_label_alt_id 
_struct_conn.pdbx_ptnr2_PDB_ins_code 
_struct_conn.ptnr1_auth_asym_id 
_struct_conn.ptnr1_auth_comp_id 
_struct_conn.ptnr1_auth_seq_id 
_struct_conn.ptnr2_auth_asym_id 
_struct_conn.ptnr2_auth_comp_id 
_struct_conn.ptnr2_auth_seq_id 
_struct_conn.ptnr2_symmetry 
_struct_conn.pdbx_ptnr3_label_atom_id 
_struct_conn.pdbx_ptnr3_label_seq_id 
_struct_conn.pdbx_ptnr3_label_comp_id 
_struct_conn.pdbx_ptnr3_label_asym_id 
_struct_conn.pdbx_ptnr3_label_alt_id 
_struct_conn.pdbx_ptnr3_PDB_ins_code 
_struct_conn.details 
_struct_conn.pdbx_dist_value 
_struct_conn.pdbx_value_order 
_struct_conn.pdbx_role 
covale1 covale both ? A GUP . O2  ? ? ? 1_555 A 3FM . C1  ? ? A GUP 1 A 3FM 2 1_555 ? ? ? ? ? ? ? 1.387 sing ? 
covale2 covale one  ? A GUP . C1  ? ? ? 1_555 B PMY . OH1 ? ? A GUP 1 A PMY 3 1_555 ? ? ? ? ? ? ? 1.432 ?    ? 
metalc1 metalc ?    ? A 3FM . NCA ? ? ? 1_555 C 3CO . CO  ? ? A 3FM 2 A 3CO 4 1_555 ? ? ? ? ? ? ? 1.998 ?    ? 
metalc2 metalc ?    ? B PMY . NJ  ? ? ? 1_555 C 3CO . CO  ? ? A PMY 3 A 3CO 4 1_555 ? ? ? ? ? ? ? 1.965 ?    ? 
metalc3 metalc ?    ? B PMY . NH  ? ? ? 1_555 C 3CO . CO  ? ? A PMY 3 A 3CO 4 1_555 ? ? ? ? ? ? ? 2.000 ?    ? 
metalc4 metalc ?    ? B PMY . NG  ? ? ? 1_555 C 3CO . CO  ? ? A PMY 3 A 3CO 4 1_555 ? ? ? ? ? ? ? 1.870 ?    ? 
metalc5 metalc ?    ? B PMY . NC  ? ? ? 1_555 C 3CO . CO  ? ? A PMY 3 A 3CO 4 1_555 ? ? ? ? ? ? ? 2.042 ?    ? 
metalc6 metalc ?    ? C 3CO . CO  ? ? ? 1_555 D PEO . O1  ? ? A 3CO 4 A PEO 5 1_555 ? ? ? ? ? ? ? 1.992 ?    ? 
# 
loop_
_struct_conn_type.id 
_struct_conn_type.criteria 
_struct_conn_type.reference 
covale ? ? 
metalc ? ? 
# 
loop_
_pdbx_struct_conn_angle.id 
_pdbx_struct_conn_angle.ptnr1_label_atom_id 
_pdbx_struct_conn_angle.ptnr1_label_alt_id 
_pdbx_struct_conn_angle.ptnr1_label_asym_id 
_pdbx_struct_conn_angle.ptnr1_label_comp_id 
_pdbx_struct_conn_angle.ptnr1_label_seq_id 
_pdbx_struct_conn_angle.ptnr1_auth_atom_id 
_pdbx_struct_conn_angle.ptnr1_auth_asym_id 
_pdbx_struct_conn_angle.ptnr1_auth_comp_id 
_pdbx_struct_conn_angle.ptnr1_auth_seq_id 
_pdbx_struct_conn_angle.ptnr1_PDB_ins_code 
_pdbx_struct_conn_angle.ptnr1_symmetry 
_pdbx_struct_conn_angle.ptnr2_label_atom_id 
_pdbx_struct_conn_angle.ptnr2_label_alt_id 
_pdbx_struct_conn_angle.ptnr2_label_asym_id 
_pdbx_struct_conn_angle.ptnr2_label_comp_id 
_pdbx_struct_conn_angle.ptnr2_label_seq_id 
_pdbx_struct_conn_angle.ptnr2_auth_atom_id 
_pdbx_struct_conn_angle.ptnr2_auth_asym_id 
_pdbx_struct_conn_angle.ptnr2_auth_comp_id 
_pdbx_struct_conn_angle.ptnr2_auth_seq_id 
_pdbx_struct_conn_angle.ptnr2_PDB_ins_code 
_pdbx_struct_conn_angle.ptnr2_symmetry 
_pdbx_struct_conn_angle.ptnr3_label_atom_id 
_pdbx_struct_conn_angle.ptnr3_label_alt_id 
_pdbx_struct_conn_angle.ptnr3_label_asym_id 
_pdbx_struct_conn_angle.ptnr3_label_comp_id 
_pdbx_struct_conn_angle.ptnr3_label_seq_id 
_pdbx_struct_conn_angle.ptnr3_auth_atom_id 
_pdbx_struct_conn_angle.ptnr3_auth_asym_id 
_pdbx_struct_conn_angle.ptnr3_auth_comp_id 
_pdbx_struct_conn_angle.ptnr3_auth_seq_id 
_pdbx_struct_conn_angle.ptnr3_PDB_ins_code 
_pdbx_struct_conn_angle.ptnr3_symmetry 
_pdbx_struct_conn_angle.value 
_pdbx_struct_conn_angle.value_esd 
1  NCA ? A 3FM . ? A 3FM 2 ? 1_555 CO ? C 3CO . ? A 3CO 4 ? 1_555 NJ ? B PMY . ? A PMY 3 ? 1_555 90.3  ? 
2  NCA ? A 3FM . ? A 3FM 2 ? 1_555 CO ? C 3CO . ? A 3CO 4 ? 1_555 NH ? B PMY . ? A PMY 3 ? 1_555 80.2  ? 
3  NJ  ? B PMY . ? A PMY 3 ? 1_555 CO ? C 3CO . ? A 3CO 4 ? 1_555 NH ? B PMY . ? A PMY 3 ? 1_555 94.2  ? 
4  NCA ? A 3FM . ? A 3FM 2 ? 1_555 CO ? C 3CO . ? A 3CO 4 ? 1_555 NG ? B PMY . ? A PMY 3 ? 1_555 98.3  ? 
5  NJ  ? B PMY . ? A PMY 3 ? 1_555 CO ? C 3CO . ? A 3CO 4 ? 1_555 NG ? B PMY . ? A PMY 3 ? 1_555 171.3 ? 
6  NH  ? B PMY . ? A PMY 3 ? 1_555 CO ? C 3CO . ? A 3CO 4 ? 1_555 NG ? B PMY . ? A PMY 3 ? 1_555 86.1  ? 
7  NCA ? A 3FM . ? A 3FM 2 ? 1_555 CO ? C 3CO . ? A 3CO 4 ? 1_555 NC ? B PMY . ? A PMY 3 ? 1_555 95.4  ? 
8  NJ  ? B PMY . ? A PMY 3 ? 1_555 CO ? C 3CO . ? A 3CO 4 ? 1_555 NC ? B PMY . ? A PMY 3 ? 1_555 96.6  ? 
9  NH  ? B PMY . ? A PMY 3 ? 1_555 CO ? C 3CO . ? A 3CO 4 ? 1_555 NC ? B PMY . ? A PMY 3 ? 1_555 168.4 ? 
10 NG  ? B PMY . ? A PMY 3 ? 1_555 CO ? C 3CO . ? A 3CO 4 ? 1_555 NC ? B PMY . ? A PMY 3 ? 1_555 83.9  ? 
11 NCA ? A 3FM . ? A 3FM 2 ? 1_555 CO ? C 3CO . ? A 3CO 4 ? 1_555 O1 ? D PEO . ? A PEO 5 ? 1_555 173.2 ? 
12 NJ  ? B PMY . ? A PMY 3 ? 1_555 CO ? C 3CO . ? A 3CO 4 ? 1_555 O1 ? D PEO . ? A PEO 5 ? 1_555 87.4  ? 
13 NH  ? B PMY . ? A PMY 3 ? 1_555 CO ? C 3CO . ? A 3CO 4 ? 1_555 O1 ? D PEO . ? A PEO 5 ? 1_555 93.6  ? 
14 NG  ? B PMY . ? A PMY 3 ? 1_555 CO ? C 3CO . ? A 3CO 4 ? 1_555 O1 ? D PEO . ? A PEO 5 ? 1_555 84.0  ? 
15 NC  ? B PMY . ? A PMY 3 ? 1_555 CO ? C 3CO . ? A 3CO 4 ? 1_555 O1 ? D PEO . ? A PEO 5 ? 1_555 91.2  ? 
# 
_pdbx_nmr_ensemble.entry_id                                      1AO4 
_pdbx_nmr_ensemble.conformers_calculated_total_number            1 
_pdbx_nmr_ensemble.conformers_submitted_total_number             1 
_pdbx_nmr_ensemble.conformer_selection_criteria                  'minimal energy' 
_pdbx_nmr_ensemble.average_constraints_per_residue               ? 
_pdbx_nmr_ensemble.average_constraint_violations_per_residue     ? 
_pdbx_nmr_ensemble.maximum_distance_constraint_violation         ? 
_pdbx_nmr_ensemble.average_distance_constraint_violation         ? 
_pdbx_nmr_ensemble.maximum_upper_distance_constraint_violation   ? 
_pdbx_nmr_ensemble.maximum_lower_distance_constraint_violation   ? 
_pdbx_nmr_ensemble.distance_constraint_violation_method          ? 
_pdbx_nmr_ensemble.maximum_torsion_angle_constraint_violation    ? 
_pdbx_nmr_ensemble.average_torsion_angle_constraint_violation    ? 
_pdbx_nmr_ensemble.torsion_angle_constraint_violation_method     ? 
# 
_pdbx_nmr_representative.entry_id             1AO4 
_pdbx_nmr_representative.conformer_id         1 
_pdbx_nmr_representative.selection_criteria   'minimized average' 
# 
_pdbx_nmr_sample_details.solution_id      1 
_pdbx_nmr_sample_details.contents         '50mM sodium phosphate, 0.15 M NaCl' 
_pdbx_nmr_sample_details.solvent_system   H2O 
# 
_pdbx_nmr_exptl_sample_conditions.conditions_id       1 
_pdbx_nmr_exptl_sample_conditions.temperature         275 
_pdbx_nmr_exptl_sample_conditions.pressure            1 
_pdbx_nmr_exptl_sample_conditions.pressure_units      atm 
_pdbx_nmr_exptl_sample_conditions.pH                  6.4 
_pdbx_nmr_exptl_sample_conditions.ionic_strength      ? 
_pdbx_nmr_exptl_sample_conditions.temperature_units   K 
# 
loop_
_pdbx_nmr_exptl.experiment_id 
_pdbx_nmr_exptl.conditions_id 
_pdbx_nmr_exptl.type 
_pdbx_nmr_exptl.solution_id 
1 1 '2D NOESY' 1 
2 1 TOCSY      1 
3 1 DQF-COSY   1 
# 
_pdbx_nmr_details.entry_id   1AO4 
_pdbx_nmr_details.text       'method used to determine the structure : NOE-RMD' 
# 
_pdbx_nmr_refine.entry_id           1AO4 
_pdbx_nmr_refine.method             ? 
_pdbx_nmr_refine.details            'Refinement details can be found in the JRNL citation' 
_pdbx_nmr_refine.software_ordinal   1 
# 
loop_
_pdbx_nmr_software.name 
_pdbx_nmr_software.version 
_pdbx_nmr_software.classification 
_pdbx_nmr_software.authors 
_pdbx_nmr_software.ordinal 
X-PLOR  3.1 refinement A.T.Brunger 1 
SPEDREF ?   refinement ?           2 
# 
loop_
_chem_comp_atom.comp_id 
_chem_comp_atom.atom_id 
_chem_comp_atom.type_symbol 
_chem_comp_atom.pdbx_aromatic_flag 
_chem_comp_atom.pdbx_stereo_config 
_chem_comp_atom.pdbx_ordinal 
3CO CO   CO N N 1   
3FM O5   O  N N 2   
3FM C1   C  N S 3   
3FM O1   O  N N 4   
3FM C2   C  N S 5   
3FM O2   O  N N 6   
3FM C3   C  N S 7   
3FM O3   O  N N 8   
3FM CA   C  N N 9   
3FM OCA  O  N N 10  
3FM NCA  N  N N 11  
3FM C4   C  N R 12  
3FM O4   O  N N 13  
3FM C5   C  N R 14  
3FM C6   C  N N 15  
3FM O6   O  N N 16  
3FM H1   H  N N 17  
3FM HO1  H  N N 18  
3FM H2   H  N N 19  
3FM HO2  H  N N 20  
3FM H3   H  N N 21  
3FM HNC1 H  N N 22  
3FM HNC2 H  N N 23  
3FM H4   H  N N 24  
3FM HO4  H  N N 25  
3FM H5   H  N N 26  
3FM H61  H  N N 27  
3FM H62  H  N N 28  
3FM HO6  H  N N 29  
GUP O5   O  N N 30  
GUP C1   C  N R 31  
GUP O1   O  N N 32  
GUP C2   C  N S 33  
GUP O2   O  N N 34  
GUP C3   C  N S 35  
GUP O3   O  N N 36  
GUP C4   C  N S 37  
GUP O4   O  N N 38  
GUP C5   C  N S 39  
GUP C6   C  N N 40  
GUP O6   O  N N 41  
GUP H1   H  N N 42  
GUP HO1  H  N N 43  
GUP H2   H  N N 44  
GUP HO2  H  N N 45  
GUP H3   H  N N 46  
GUP HO3  H  N N 47  
GUP H4   H  N N 48  
GUP HO4  H  N N 49  
GUP H5   H  N N 50  
GUP H61  H  N N 51  
GUP H62  H  N N 52  
GUP HO6  H  N N 53  
PEO O1   O  N N 54  
PEO O2   O  N N 55  
PEO HO1  H  N N 56  
PEO HO2  H  N N 57  
PMY NA   N  N N 58  
PMY C1   C  N N 59  
PMY O1   O  N N 60  
PMY C2   C  N S 61  
PMY NB   N  N N 62  
PMY C3   C  N N 63  
PMY NC   N  N N 64  
PMY ND   N  N N 65  
PMY C4   C  N N 66  
PMY O4   O  N N 67  
PMY C5   C  N N 68  
PMY C6   C  N S 69  
PMY C7   C  Y N 70  
PMY NE   N  Y N 71  
PMY C8   C  Y N 72  
PMY NG   N  Y N 73  
PMY C10  C  Y N 74  
PMY C9   C  Y N 75  
PMY NF   N  N N 76  
PMY CA   C  N N 77  
PMY C12  C  N N 78  
PMY O12  O  N N 79  
PMY NH   N  N N 80  
PMY C13  C  N S 81  
PMY C14  C  N R 82  
PMY OH1  O  N N 83  
PMY C27  C  Y N 84  
PMY NJ   N  Y N 85  
PMY C28  C  Y N 86  
PMY C29  C  Y N 87  
PMY NI   N  Y N 88  
PMY C30  C  N N 89  
PMY O30  O  N N 90  
PMY NK   N  N N 91  
PMY C31  C  N R 92  
PMY CB   C  N N 93  
PMY C33  C  N S 94  
PMY OH2  O  N N 95  
PMY C34  C  N S 96  
PMY CC   C  N N 97  
PMY C36  C  N N 98  
PMY O36  O  N N 99  
PMY NL   N  N N 100 
PMY C37  C  N S 101 
PMY C38  C  N R 102 
PMY OH3  O  N N 103 
PMY CD   C  N N 104 
PMY C40  C  N N 105 
PMY O40  O  N N 106 
PMY NM   N  N N 107 
PMY C41  C  N N 108 
PMY C42  C  N N 109 
PMY C43  C  Y N 110 
PMY S43  S  Y N 111 
PMY C44  C  Y N 112 
PMY NN   N  Y N 113 
PMY C45  C  Y N 114 
PMY C46  C  Y N 115 
PMY S46  S  Y N 116 
PMY C47  C  Y N 117 
PMY NO   N  Y N 118 
PMY C48  C  Y N 119 
PMY C49  C  N N 120 
PMY O49  O  N N 121 
PMY NP   N  N N 122 
PMY C51  C  N N 123 
PMY C52  C  N N 124 
PMY C53  C  N N 125 
PMY NQ   N  N N 126 
PMY CE   C  N N 127 
PMY C54  C  N S 128 
PMY C56  C  Y N 129 
PMY C57  C  Y N 130 
PMY C58  C  Y N 131 
PMY C59  C  Y N 132 
PMY C60  C  Y N 133 
PMY C61  C  Y N 134 
PMY HA1  H  N N 135 
PMY HA2  H  N N 136 
PMY H2   H  N N 137 
PMY HB1  H  N N 138 
PMY HB2  H  N N 139 
PMY H3E  H  N N 140 
PMY H3X  H  N N 141 
PMY HNC  H  N N 142 
PMY HD1  H  N N 143 
PMY HD2  H  N N 144 
PMY H5E  H  N N 145 
PMY H5X  H  N N 146 
PMY H6   H  N N 147 
PMY HF1  H  N N 148 
PMY HF2  H  N N 149 
PMY HAA  H  N N 150 
PMY HAB  H  N N 151 
PMY HAC  H  N N 152 
PMY HNH  H  N N 153 
PMY H13  H  N N 154 
PMY H14  H  N N 155 
PMY HO1  H  N N 156 
PMY H28  H  N N 157 
PMY H29  H  N N 158 
PMY HNI  H  N N 159 
PMY HNK  H  N N 160 
PMY H31  H  N N 161 
PMY HBA  H  N N 162 
PMY HBB  H  N N 163 
PMY HBC  H  N N 164 
PMY H33  H  N N 165 
PMY HO2  H  N N 166 
PMY H34  H  N N 167 
PMY HCA  H  N N 168 
PMY HCB  H  N N 169 
PMY HCC  H  N N 170 
PMY HNL  H  N N 171 
PMY H37  H  N N 172 
PMY H38  H  N N 173 
PMY HO3  H  N N 174 
PMY HDA  H  N N 175 
PMY HDB  H  N N 176 
PMY HDC  H  N N 177 
PMY HNM  H  N N 178 
PMY H1E  H  N N 179 
PMY H1X  H  N N 180 
PMY H2E  H  N N 181 
PMY H2X  H  N N 182 
PMY H44  H  N N 183 
PMY H47  H  N N 184 
PMY HNP  H  N N 185 
PMY H6E  H  N N 186 
PMY H6X  H  N N 187 
PMY H7E  H  N N 188 
PMY H7X  H  N N 189 
PMY H8E  H  N N 190 
PMY H8X  H  N N 191 
PMY HNQ  H  N N 192 
PMY HEA  H  N N 193 
PMY HEB  H  N N 194 
PMY HEC  H  N N 195 
PMY H54  H  N N 196 
PMY H57  H  N N 197 
PMY H58  H  N N 198 
PMY H59  H  N N 199 
PMY H60  H  N N 200 
PMY H61  H  N N 201 
# 
loop_
_chem_comp_bond.comp_id 
_chem_comp_bond.atom_id_1 
_chem_comp_bond.atom_id_2 
_chem_comp_bond.value_order 
_chem_comp_bond.pdbx_aromatic_flag 
_chem_comp_bond.pdbx_stereo_config 
_chem_comp_bond.pdbx_ordinal 
3FM O5  C1   sing N N 1   
3FM O5  C5   sing N N 2   
3FM C1  O1   sing N N 3   
3FM C1  C2   sing N N 4   
3FM C1  H1   sing N N 5   
3FM O1  HO1  sing N N 6   
3FM C2  O2   sing N N 7   
3FM C2  C3   sing N N 8   
3FM C2  H2   sing N N 9   
3FM O2  HO2  sing N N 10  
3FM C3  O3   sing N N 11  
3FM C3  C4   sing N N 12  
3FM C3  H3   sing N N 13  
3FM O3  CA   sing N N 14  
3FM CA  OCA  doub N N 15  
3FM CA  NCA  sing N N 16  
3FM NCA HNC1 sing N N 17  
3FM NCA HNC2 sing N N 18  
3FM C4  O4   sing N N 19  
3FM C4  C5   sing N N 20  
3FM C4  H4   sing N N 21  
3FM O4  HO4  sing N N 22  
3FM C5  C6   sing N N 23  
3FM C5  H5   sing N N 24  
3FM C6  O6   sing N N 25  
3FM C6  H61  sing N N 26  
3FM C6  H62  sing N N 27  
3FM O6  HO6  sing N N 28  
GUP O5  C1   sing N N 29  
GUP O5  C5   sing N N 30  
GUP C1  O1   sing N N 31  
GUP C1  C2   sing N N 32  
GUP C1  H1   sing N N 33  
GUP O1  HO1  sing N N 34  
GUP C2  O2   sing N N 35  
GUP C2  C3   sing N N 36  
GUP C2  H2   sing N N 37  
GUP O2  HO2  sing N N 38  
GUP C3  O3   sing N N 39  
GUP C3  C4   sing N N 40  
GUP C3  H3   sing N N 41  
GUP O3  HO3  sing N N 42  
GUP C4  O4   sing N N 43  
GUP C4  C5   sing N N 44  
GUP C4  H4   sing N N 45  
GUP O4  HO4  sing N N 46  
GUP C5  C6   sing N N 47  
GUP C5  H5   sing N N 48  
GUP C6  O6   sing N N 49  
GUP C6  H61  sing N N 50  
GUP C6  H62  sing N N 51  
GUP O6  HO6  sing N N 52  
PEO O1  O2   sing N N 53  
PEO O1  HO1  sing N N 54  
PEO O2  HO2  sing N N 55  
PMY NA  C1   sing N N 56  
PMY NA  HA1  sing N N 57  
PMY NA  HA2  sing N N 58  
PMY C1  O1   doub N N 59  
PMY C1  C2   sing N N 60  
PMY C2  NB   sing N N 61  
PMY C2  C3   sing N N 62  
PMY C2  H2   sing N N 63  
PMY NB  HB1  sing N N 64  
PMY NB  HB2  sing N N 65  
PMY C3  NC   sing N N 66  
PMY C3  H3E  sing N N 67  
PMY C3  H3X  sing N N 68  
PMY NC  C6   sing N N 69  
PMY NC  HNC  sing N N 70  
PMY ND  C4   sing N N 71  
PMY ND  HD1  sing N N 72  
PMY ND  HD2  sing N N 73  
PMY C4  O4   doub N N 74  
PMY C4  C5   sing N N 75  
PMY C5  C6   sing N N 76  
PMY C5  H5E  sing N N 77  
PMY C5  H5X  sing N N 78  
PMY C6  C7   sing N N 79  
PMY C6  H6   sing N N 80  
PMY C7  NE   doub Y N 81  
PMY C7  NG   sing Y N 82  
PMY NE  C8   sing Y N 83  
PMY C8  C9   doub Y N 84  
PMY C8  NF   sing N N 85  
PMY NG  C10  doub Y N 86  
PMY C10 C9   sing Y N 87  
PMY C10 C12  sing N N 88  
PMY C9  CA   sing N N 89  
PMY NF  HF1  sing N N 90  
PMY NF  HF2  sing N N 91  
PMY CA  HAA  sing N N 92  
PMY CA  HAB  sing N N 93  
PMY CA  HAC  sing N N 94  
PMY C12 O12  doub N N 95  
PMY C12 NH   sing N N 96  
PMY NH  C13  sing N N 97  
PMY NH  HNH  sing N N 98  
PMY C13 C14  sing N N 99  
PMY C13 C30  sing N N 100 
PMY C13 H13  sing N N 101 
PMY C14 OH1  sing N N 102 
PMY C14 C27  sing N N 103 
PMY C14 H14  sing N N 104 
PMY OH1 HO1  sing N N 105 
PMY C27 NJ   sing Y N 106 
PMY C27 C28  doub Y N 107 
PMY NJ  C29  doub Y N 108 
PMY C28 NI   sing Y N 109 
PMY C28 H28  sing N N 110 
PMY C29 NI   sing Y N 111 
PMY C29 H29  sing N N 112 
PMY NI  HNI  sing N N 113 
PMY C30 O30  doub N N 114 
PMY C30 NK   sing N N 115 
PMY NK  C31  sing N N 116 
PMY NK  HNK  sing N N 117 
PMY C31 CB   sing N N 118 
PMY C31 C33  sing N N 119 
PMY C31 H31  sing N N 120 
PMY CB  HBA  sing N N 121 
PMY CB  HBB  sing N N 122 
PMY CB  HBC  sing N N 123 
PMY C33 OH2  sing N N 124 
PMY C33 C34  sing N N 125 
PMY C33 H33  sing N N 126 
PMY OH2 HO2  sing N N 127 
PMY C34 CC   sing N N 128 
PMY C34 C36  sing N N 129 
PMY C34 H34  sing N N 130 
PMY CC  HCA  sing N N 131 
PMY CC  HCB  sing N N 132 
PMY CC  HCC  sing N N 133 
PMY C36 O36  doub N N 134 
PMY C36 NL   sing N N 135 
PMY NL  C37  sing N N 136 
PMY NL  HNL  sing N N 137 
PMY C37 C38  sing N N 138 
PMY C37 C40  sing N N 139 
PMY C37 H37  sing N N 140 
PMY C38 OH3  sing N N 141 
PMY C38 CD   sing N N 142 
PMY C38 H38  sing N N 143 
PMY OH3 HO3  sing N N 144 
PMY CD  HDA  sing N N 145 
PMY CD  HDB  sing N N 146 
PMY CD  HDC  sing N N 147 
PMY C40 O40  doub N N 148 
PMY C40 NM   sing N N 149 
PMY NM  C41  sing N N 150 
PMY NM  HNM  sing N N 151 
PMY C41 C42  sing N N 152 
PMY C41 H1E  sing N N 153 
PMY C41 H1X  sing N N 154 
PMY C42 C43  sing N N 155 
PMY C42 H2E  sing N N 156 
PMY C42 H2X  sing N N 157 
PMY C43 S43  sing Y N 158 
PMY C43 NN   doub Y N 159 
PMY S43 C44  sing Y N 160 
PMY C44 C45  doub Y N 161 
PMY C44 H44  sing N N 162 
PMY NN  C45  sing Y N 163 
PMY C45 C46  sing Y N 164 
PMY C46 S46  sing Y N 165 
PMY C46 NO   doub Y N 166 
PMY S46 C47  sing Y N 167 
PMY C47 C48  doub Y N 168 
PMY C47 H47  sing N N 169 
PMY NO  C48  sing Y N 170 
PMY C48 C49  sing N N 171 
PMY C49 O49  doub N N 172 
PMY C49 NP   sing N N 173 
PMY NP  C51  sing N N 174 
PMY NP  HNP  sing N N 175 
PMY C51 C52  sing N N 176 
PMY C51 H6E  sing N N 177 
PMY C51 H6X  sing N N 178 
PMY C52 C53  sing N N 179 
PMY C52 H7E  sing N N 180 
PMY C52 H7X  sing N N 181 
PMY C53 NQ   sing N N 182 
PMY C53 H8E  sing N N 183 
PMY C53 H8X  sing N N 184 
PMY NQ  C54  sing N N 185 
PMY NQ  HNQ  sing N N 186 
PMY CE  C54  sing N N 187 
PMY CE  HEA  sing N N 188 
PMY CE  HEB  sing N N 189 
PMY CE  HEC  sing N N 190 
PMY C54 C56  sing N N 191 
PMY C54 H54  sing N N 192 
PMY C56 C57  doub Y N 193 
PMY C56 C61  sing Y N 194 
PMY C57 C58  sing Y N 195 
PMY C57 H57  sing N N 196 
PMY C58 C59  doub Y N 197 
PMY C58 H58  sing N N 198 
PMY C59 C60  sing Y N 199 
PMY C59 H59  sing N N 200 
PMY C60 C61  doub Y N 201 
PMY C60 H60  sing N N 202 
PMY C61 H61  sing N N 203 
# 
loop_
_pdbx_entity_branch_list.entity_id 
_pdbx_entity_branch_list.comp_id 
_pdbx_entity_branch_list.num 
_pdbx_entity_branch_list.hetero 
1 GUP 1 n 
1 3FM 2 n 
# 
_pdbx_nmr_spectrometer.spectrometer_id   1 
_pdbx_nmr_spectrometer.type              ? 
_pdbx_nmr_spectrometer.manufacturer      Varian 
_pdbx_nmr_spectrometer.model             'VXR 500' 
_pdbx_nmr_spectrometer.field_strength    500 
# 
_atom_sites.entry_id                    1AO4 
_atom_sites.fract_transf_matrix[1][1]   1.000000 
_atom_sites.fract_transf_matrix[1][2]   0.000000 
_atom_sites.fract_transf_matrix[1][3]   0.000000 
_atom_sites.fract_transf_matrix[2][1]   0.000000 
_atom_sites.fract_transf_matrix[2][2]   1.000000 
_atom_sites.fract_transf_matrix[2][3]   0.000000 
_atom_sites.fract_transf_matrix[3][1]   0.000000 
_atom_sites.fract_transf_matrix[3][2]   0.000000 
_atom_sites.fract_transf_matrix[3][3]   1.000000 
_atom_sites.fract_transf_vector[1]      0.00000 
_atom_sites.fract_transf_vector[2]      0.00000 
_atom_sites.fract_transf_vector[3]      0.00000 
# 
loop_
_atom_type.symbol 
C  
CO 
H  
N  
O  
S  
# 
loop_
_atom_site.group_PDB 
_atom_site.id 
_atom_site.type_symbol 
_atom_site.label_atom_id 
_atom_site.label_alt_id 
_atom_site.label_comp_id 
_atom_site.label_asym_id 
_atom_site.label_entity_id 
_atom_site.label_seq_id 
_atom_site.pdbx_PDB_ins_code 
_atom_site.Cartn_x 
_atom_site.Cartn_y 
_atom_site.Cartn_z 
_atom_site.occupancy 
_atom_site.B_iso_or_equiv 
_atom_site.pdbx_formal_charge 
_atom_site.auth_seq_id 
_atom_site.auth_comp_id 
_atom_site.auth_asym_id 
_atom_site.auth_atom_id 
_atom_site.pdbx_PDB_model_num 
HETATM 1   O  O5   . GUP A 1 . ? 1.367  2.366  6.707  1.00 0.00 ? 1 GUP A O5   1 
HETATM 2   C  C1   . GUP A 1 . ? 0.735  1.678  5.653  1.00 0.00 ? 1 GUP A C1   1 
HETATM 3   C  C2   . GUP A 1 . ? -0.241 0.650  6.206  1.00 0.00 ? 1 GUP A C2   1 
HETATM 4   O  O2   . GUP A 1 . ? -0.505 -0.094 5.059  1.00 0.00 ? 1 GUP A O2   1 
HETATM 5   C  C3   . GUP A 1 . ? 0.487  -0.305 7.168  1.00 0.00 ? 1 GUP A C3   1 
HETATM 6   O  O3   . GUP A 1 . ? 1.439  -0.981 6.334  1.00 0.00 ? 1 GUP A O3   1 
HETATM 7   C  C4   . GUP A 1 . ? 1.202  0.503  8.270  1.00 0.00 ? 1 GUP A C4   1 
HETATM 8   O  O4   . GUP A 1 . ? 0.213  1.176  9.041  1.00 0.00 ? 1 GUP A O4   1 
HETATM 9   C  C5   . GUP A 1 . ? 2.118  1.544  7.581  1.00 0.00 ? 1 GUP A C5   1 
HETATM 10  C  C6   . GUP A 1 . ? 2.804  2.510  8.524  1.00 0.00 ? 1 GUP A C6   1 
HETATM 11  O  O6   . GUP A 1 . ? 3.576  3.421  7.745  1.00 0.00 ? 1 GUP A O6   1 
HETATM 12  H  H1   . GUP A 1 . ? 0.157  2.416  5.122  1.00 0.00 ? 1 GUP A H1   1 
HETATM 13  H  H2   . GUP A 1 . ? -1.087 1.224  6.596  1.00 0.00 ? 1 GUP A H2   1 
HETATM 14  H  H3   . GUP A 1 . ? -0.280 -1.015 7.525  1.00 0.00 ? 1 GUP A H3   1 
HETATM 15  H  HO3  . GUP A 1 . ? 1.704  -0.309 5.696  1.00 0.00 ? 1 GUP A HO3  1 
HETATM 16  H  H4   . GUP A 1 . ? 1.799  -0.146 8.931  1.00 0.00 ? 1 GUP A H4   1 
HETATM 17  H  HO4  . GUP A 1 . ? -0.243 0.535  9.594  1.00 0.00 ? 1 GUP A HO4  1 
HETATM 18  H  H5   . GUP A 1 . ? 2.884  1.047  6.977  1.00 0.00 ? 1 GUP A H5   1 
HETATM 19  H  H61  . GUP A 1 . ? 3.457  1.976  9.204  1.00 0.00 ? 1 GUP A H61  1 
HETATM 20  H  H62  . GUP A 1 . ? 2.016  3.054  9.046  1.00 0.00 ? 1 GUP A H62  1 
HETATM 21  H  HO6  . GUP A 1 . ? 2.964  3.874  7.157  1.00 0.00 ? 1 GUP A HO6  1 
HETATM 22  O  O5   . 3FM A 1 . ? -2.798 -0.216 4.824  1.00 0.00 ? 2 3FM A O5   1 
HETATM 23  C  C1   . 3FM A 1 . ? -1.593 -0.941 4.915  1.00 0.00 ? 2 3FM A C1   1 
HETATM 24  C  C2   . 3FM A 1 . ? -1.262 -1.711 3.621  1.00 0.00 ? 2 3FM A C2   1 
HETATM 25  O  O2   . 3FM A 1 . ? -2.243 -2.640 3.210  1.00 0.00 ? 2 3FM A O2   1 
HETATM 26  C  C3   . 3FM A 1 . ? -1.184 -0.602 2.537  1.00 0.00 ? 2 3FM A C3   1 
HETATM 27  O  O3   . 3FM A 1 . ? -0.521 -0.828 1.532  1.00 0.00 ? 2 3FM A O3   1 
HETATM 28  C  CA   . 3FM A 1 . ? 0.630  -1.305 1.705  1.00 0.00 ? 2 3FM A CA   1 
HETATM 29  O  OCA  . 3FM A 1 . ? 0.871  -2.275 1.023  1.00 0.00 ? 2 3FM A OCA  1 
HETATM 30  N  NCA  . 3FM A 1 . ? 1.511  -0.797 2.631  1.00 0.00 ? 2 3FM A NCA  1 
HETATM 31  C  C4   . 3FM A 1 . ? -2.500 0.149  2.408  1.00 0.00 ? 2 3FM A C4   1 
HETATM 32  O  O4   . 3FM A 1 . ? -2.322 1.187  1.447  1.00 0.00 ? 2 3FM A O4   1 
HETATM 33  C  C5   . 3FM A 1 . ? -2.816 0.757  3.794  1.00 0.00 ? 2 3FM A C5   1 
HETATM 34  C  C6   . 3FM A 1 . ? -4.149 1.442  3.881  1.00 0.00 ? 2 3FM A C6   1 
HETATM 35  O  O6   . 3FM A 1 . ? -4.246 2.328  2.768  1.00 0.00 ? 2 3FM A O6   1 
HETATM 36  H  H1   . 3FM A 1 . ? -1.631 -1.511 5.818  1.00 0.00 ? 2 3FM A H1   1 
HETATM 37  H  H2   . 3FM A 1 . ? -0.315 -2.288 3.699  1.00 0.00 ? 2 3FM A H2   1 
HETATM 38  H  HO2  . 3FM A 1 . ? -2.313 -3.332 3.869  1.00 0.00 ? 2 3FM A HO2  1 
HETATM 39  H  H3   . 3FM A 1 . ? -0.543 0.193  2.864  1.00 0.00 ? 2 3FM A H3   1 
HETATM 40  H  HNC1 . 3FM A 1 . ? 2.017  -1.300 3.323  1.00 0.00 ? 2 3FM A HNC1 1 
HETATM 41  H  HNC2 . 3FM A 1 . ? 1.261  0.007  3.180  1.00 0.00 ? 2 3FM A HNC2 1 
HETATM 42  H  H4   . 3FM A 1 . ? -3.277 -0.565 2.125  1.00 0.00 ? 2 3FM A H4   1 
HETATM 43  H  HO4  . 3FM A 1 . ? -1.400 1.473  1.423  1.00 0.00 ? 2 3FM A HO4  1 
HETATM 44  H  H5   . 3FM A 1 . ? -2.105 1.566  4.024  1.00 0.00 ? 2 3FM A H5   1 
HETATM 45  H  H61  . 3FM A 1 . ? -4.051 1.944  4.847  1.00 0.00 ? 2 3FM A H61  1 
HETATM 46  H  H62  . 3FM A 1 . ? -4.941 0.694  3.890  1.00 0.00 ? 2 3FM A H62  1 
HETATM 47  H  HO6  . 3FM A 1 . ? -3.580 2.014  2.128  1.00 0.00 ? 2 3FM A HO6  1 
HETATM 48  N  NA   . PMY B 2 . ? 0.549  -5.527 0.730  1.00 0.00 ? 3 PMY A NA   1 
HETATM 49  C  C1   . PMY B 2 . ? 1.580  -4.734 0.419  1.00 0.00 ? 3 PMY A C1   1 
HETATM 50  O  O1   . PMY B 2 . ? 1.638  -4.237 -0.701 1.00 0.00 ? 3 PMY A O1   1 
HETATM 51  C  C2   . PMY B 2 . ? 2.706  -4.541 1.453  1.00 0.00 ? 3 PMY A C2   1 
HETATM 52  N  NB   . PMY B 2 . ? 3.696  -5.637 1.327  1.00 0.00 ? 3 PMY A NB   1 
HETATM 53  C  C3   . PMY B 2 . ? 3.183  -3.136 1.928  1.00 0.00 ? 3 PMY A C3   1 
HETATM 54  N  NC   . PMY B 2 . ? 3.812  -1.991 1.144  1.00 0.00 ? 3 PMY A NC   1 
HETATM 55  N  ND   . PMY B 2 . ? 3.987  -3.232 -3.174 1.00 0.00 ? 3 PMY A ND   1 
HETATM 56  C  C4   . PMY B 2 . ? 4.959  -3.229 -2.264 1.00 0.00 ? 3 PMY A C4   1 
HETATM 57  O  O4   . PMY B 2 . ? 6.155  -3.158 -2.513 1.00 0.00 ? 3 PMY A O4   1 
HETATM 58  C  C5   . PMY B 2 . ? 4.514  -3.287 -0.822 1.00 0.00 ? 3 PMY A C5   1 
HETATM 59  C  C6   . PMY B 2 . ? 3.922  -1.980 -0.335 1.00 0.00 ? 3 PMY A C6   1 
HETATM 60  C  C7   . PMY B 2 . ? 2.694  -1.278 -0.918 1.00 0.00 ? 3 PMY A C7   1 
HETATM 61  N  NE   . PMY B 2 . ? 1.973  -1.480 -2.064 1.00 0.00 ? 3 PMY A NE   1 
HETATM 62  C  C8   . PMY B 2 . ? 0.890  -0.649 -2.351 1.00 0.00 ? 3 PMY A C8   1 
HETATM 63  N  NG   . PMY B 2 . ? 2.309  -0.272 -0.136 1.00 0.00 ? 3 PMY A NG   1 
HETATM 64  C  C10  . PMY B 2 . ? 1.317  0.573  -0.367 1.00 0.00 ? 3 PMY A C10  1 
HETATM 65  C  C9   . PMY B 2 . ? 0.560  0.394  -1.492 1.00 0.00 ? 3 PMY A C9   1 
HETATM 66  N  NF   . PMY B 2 . ? 0.225  -0.912 -3.501 1.00 0.00 ? 3 PMY A NF   1 
HETATM 67  C  CA   . PMY B 2 . ? -0.630 1.305  -1.705 1.00 0.00 ? 3 PMY A CA   1 
HETATM 68  C  C12  . PMY B 2 . ? 1.218  1.647  0.666  1.00 0.00 ? 3 PMY A C12  1 
HETATM 69  O  O12  . PMY B 2 . ? 0.458  2.596  0.518  1.00 0.00 ? 3 PMY A O12  1 
HETATM 70  N  NH   . PMY B 2 . ? 2.033  1.564  1.746  1.00 0.00 ? 3 PMY A NH   1 
HETATM 71  C  C13  . PMY B 2 . ? 2.062  2.534  2.870  1.00 0.00 ? 3 PMY A C13  1 
HETATM 72  C  C14  . PMY B 2 . ? 2.581  1.927  4.173  1.00 0.00 ? 3 PMY A C14  1 
HETATM 73  O  OH1  . PMY B 2 . ? 1.669  1.056  4.763  1.00 0.00 ? 3 PMY A OH1  1 
HETATM 74  C  C27  . PMY B 2 . ? 3.853  1.157  4.063  1.00 0.00 ? 3 PMY A C27  1 
HETATM 75  N  NJ   . PMY B 2 . ? 4.091  0.141  3.223  1.00 0.00 ? 3 PMY A NJ   1 
HETATM 76  C  C28  . PMY B 2 . ? 4.955  1.368  4.798  1.00 0.00 ? 3 PMY A C28  1 
HETATM 77  C  C29  . PMY B 2 . ? 5.339  -0.281 3.466  1.00 0.00 ? 3 PMY A C29  1 
HETATM 78  N  NI   . PMY B 2 . ? 5.876  0.473  4.434  1.00 0.00 ? 3 PMY A NI   1 
HETATM 79  C  C30  . PMY B 2 . ? 3.004  3.728  2.676  1.00 0.00 ? 3 PMY A C30  1 
HETATM 80  O  O30  . PMY B 2 . ? 2.859  4.722  3.379  1.00 0.00 ? 3 PMY A O30  1 
HETATM 81  N  NK   . PMY B 2 . ? 4.048  3.618  1.855  1.00 0.00 ? 3 PMY A NK   1 
HETATM 82  C  C31  . PMY B 2 . ? 5.093  4.616  1.686  1.00 0.00 ? 3 PMY A C31  1 
HETATM 83  C  CB   . PMY B 2 . ? 4.499  5.788  0.873  1.00 0.00 ? 3 PMY A CB   1 
HETATM 84  C  C33  . PMY B 2 . ? 6.259  3.962  0.929  1.00 0.00 ? 3 PMY A C33  1 
HETATM 85  O  OH2  . PMY B 2 . ? 7.324  4.876  0.641  1.00 0.00 ? 3 PMY A OH2  1 
HETATM 86  C  C34  . PMY B 2 . ? 6.854  2.768  1.713  1.00 0.00 ? 3 PMY A C34  1 
HETATM 87  C  CC   . PMY B 2 . ? 7.882  3.276  2.780  1.00 0.00 ? 3 PMY A CC   1 
HETATM 88  C  C36  . PMY B 2 . ? 7.619  1.864  0.744  1.00 0.00 ? 3 PMY A C36  1 
HETATM 89  O  O36  . PMY B 2 . ? 8.330  2.379  -0.113 1.00 0.00 ? 3 PMY A O36  1 
HETATM 90  N  NL   . PMY B 2 . ? 7.510  0.543  0.897  1.00 0.00 ? 3 PMY A NL   1 
HETATM 91  C  C37  . PMY B 2 . ? 8.194  -0.497 0.138  1.00 0.00 ? 3 PMY A C37  1 
HETATM 92  C  C38  . PMY B 2 . ? 7.928  -1.850 0.817  1.00 0.00 ? 3 PMY A C38  1 
HETATM 93  O  OH3  . PMY B 2 . ? 6.539  -1.883 1.104  1.00 0.00 ? 3 PMY A OH3  1 
HETATM 94  C  CD   . PMY B 2 . ? 8.797  -1.991 2.095  1.00 0.00 ? 3 PMY A CD   1 
HETATM 95  C  C40  . PMY B 2 . ? 7.823  -0.594 -1.341 1.00 0.00 ? 3 PMY A C40  1 
HETATM 96  O  O40  . PMY B 2 . ? 8.651  -1.126 -2.078 1.00 0.00 ? 3 PMY A O40  1 
HETATM 97  N  NM   . PMY B 2 . ? 6.646  -0.165 -1.820 1.00 0.00 ? 3 PMY A NM   1 
HETATM 98  C  C41  . PMY B 2 . ? 6.318  -0.319 -3.226 1.00 0.00 ? 3 PMY A C41  1 
HETATM 99  C  C42  . PMY B 2 . ? 6.935  0.804  -4.045 1.00 0.00 ? 3 PMY A C42  1 
HETATM 100 C  C43  . PMY B 2 . ? 6.212  2.073  -3.745 1.00 0.00 ? 3 PMY A C43  1 
HETATM 101 S  S43  . PMY B 2 . ? 6.577  3.439  -3.148 1.00 0.00 ? 3 PMY A S43  1 
HETATM 102 C  C44  . PMY B 2 . ? 5.248  4.260  -3.129 1.00 0.00 ? 3 PMY A C44  1 
HETATM 103 N  NN   . PMY B 2 . ? 4.909  2.194  -3.988 1.00 0.00 ? 3 PMY A NN   1 
HETATM 104 C  C45  . PMY B 2 . ? 4.371  3.373  -3.656 1.00 0.00 ? 3 PMY A C45  1 
HETATM 105 C  C46  . PMY B 2 . ? 3.053  3.573  -3.842 1.00 0.00 ? 3 PMY A C46  1 
HETATM 106 S  S46  . PMY B 2 . ? 1.982  2.604  -4.389 1.00 0.00 ? 3 PMY A S46  1 
HETATM 107 C  C47  . PMY B 2 . ? 0.629  3.449  -4.360 1.00 0.00 ? 3 PMY A C47  1 
HETATM 108 N  NO   . PMY B 2 . ? 2.365  4.682  -3.529 1.00 0.00 ? 3 PMY A NO   1 
HETATM 109 C  C48  . PMY B 2 . ? 1.041  4.615  -3.798 1.00 0.00 ? 3 PMY A C48  1 
HETATM 110 C  C49  . PMY B 2 . ? 0.240  5.659  -3.467 1.00 0.00 ? 3 PMY A C49  1 
HETATM 111 O  O49  . PMY B 2 . ? 0.751  6.701  -3.060 1.00 0.00 ? 3 PMY A O49  1 
HETATM 112 N  NP   . PMY B 2 . ? -1.096 5.574  -3.621 1.00 0.00 ? 3 PMY A NP   1 
HETATM 113 C  C51  . PMY B 2 . ? -2.045 6.644  -3.301 1.00 0.00 ? 3 PMY A C51  1 
HETATM 114 C  C52  . PMY B 2 . ? -2.694 6.413  -1.920 1.00 0.00 ? 3 PMY A C52  1 
HETATM 115 C  C53  . PMY B 2 . ? -1.694 6.777  -0.757 1.00 0.00 ? 3 PMY A C53  1 
HETATM 116 N  NQ   . PMY B 2 . ? -1.330 8.229  -0.705 1.00 0.00 ? 3 PMY A NQ   1 
HETATM 117 C  CE   . PMY B 2 . ? -1.862 9.367  1.542  1.00 0.00 ? 3 PMY A CE   1 
HETATM 118 C  C54  . PMY B 2 . ? -2.073 9.332  -0.008 1.00 0.00 ? 3 PMY A C54  1 
HETATM 119 C  C56  . PMY B 2 . ? -1.629 10.692 -0.592 1.00 0.00 ? 3 PMY A C56  1 
HETATM 120 C  C57  . PMY B 2 . ? -0.286 10.923 -0.820 1.00 0.00 ? 3 PMY A C57  1 
HETATM 121 C  C58  . PMY B 2 . ? 0.137  12.120 -1.338 1.00 0.00 ? 3 PMY A C58  1 
HETATM 122 C  C59  . PMY B 2 . ? -0.767 13.094 -1.634 1.00 0.00 ? 3 PMY A C59  1 
HETATM 123 C  C60  . PMY B 2 . ? -2.095 12.882 -1.419 1.00 0.00 ? 3 PMY A C60  1 
HETATM 124 C  C61  . PMY B 2 . ? -2.534 11.692 -0.902 1.00 0.00 ? 3 PMY A C61  1 
HETATM 125 H  HA1  . PMY B 2 . ? -0.187 -5.655 0.050  1.00 0.00 ? 3 PMY A HA1  1 
HETATM 126 H  HA2  . PMY B 2 . ? 0.472  -6.005 1.618  1.00 0.00 ? 3 PMY A HA2  1 
HETATM 127 H  H2   . PMY B 2 . ? 2.165  -4.754 2.389  1.00 0.00 ? 3 PMY A H2   1 
HETATM 128 H  HB1  . PMY B 2 . ? 4.382  -5.430 0.616  1.00 0.00 ? 3 PMY A HB1  1 
HETATM 129 H  HB2  . PMY B 2 . ? 4.133  -5.758 2.233  1.00 0.00 ? 3 PMY A HB2  1 
HETATM 130 H  H3E  . PMY B 2 . ? 3.956  -3.496 2.551  1.00 0.00 ? 3 PMY A H3E  1 
HETATM 131 H  H3X  . PMY B 2 . ? 2.401  -2.821 2.580  1.00 0.00 ? 3 PMY A H3X  1 
HETATM 132 H  HNC  . PMY B 2 . ? 4.800  -2.036 1.389  1.00 0.00 ? 3 PMY A HNC  1 
HETATM 133 H  HD1  . PMY B 2 . ? 3.030  -3.326 -2.858 1.00 0.00 ? 3 PMY A HD1  1 
HETATM 134 H  HD2  . PMY B 2 . ? 4.204  -3.145 -4.153 1.00 0.00 ? 3 PMY A HD2  1 
HETATM 135 H  H5E  . PMY B 2 . ? 5.359  -3.465 -0.150 1.00 0.00 ? 3 PMY A H5E  1 
HETATM 136 H  H5X  . PMY B 2 . ? 3.844  -4.101 -0.710 1.00 0.00 ? 3 PMY A H5X  1 
HETATM 137 H  H6   . PMY B 2 . ? 4.790  -1.358 -0.539 1.00 0.00 ? 3 PMY A H6   1 
HETATM 138 H  HF1  . PMY B 2 . ? -0.563 -0.355 -3.798 1.00 0.00 ? 3 PMY A HF1  1 
HETATM 139 H  HF2  . PMY B 2 . ? 0.513  -1.689 -4.080 1.00 0.00 ? 3 PMY A HF2  1 
HETATM 140 H  HAA  . PMY B 2 . ? -0.289 2.331  -1.847 1.00 0.00 ? 3 PMY A HAA  1 
HETATM 141 H  HAB  . PMY B 2 . ? -1.217 1.282  -0.784 1.00 0.00 ? 3 PMY A HAB  1 
HETATM 142 H  HAC  . PMY B 2 . ? -1.284 1.003  -2.517 1.00 0.00 ? 3 PMY A HAC  1 
HETATM 143 H  H13  . PMY B 2 . ? 1.055  2.791  3.222  1.00 0.00 ? 3 PMY A H13  1 
HETATM 144 H  H14  . PMY B 2 . ? 2.707  2.753  4.872  1.00 0.00 ? 3 PMY A H14  1 
HETATM 145 H  H28  . PMY B 2 . ? 5.080  2.123  5.548  1.00 0.00 ? 3 PMY A H28  1 
HETATM 146 H  H29  . PMY B 2 . ? 5.819  -1.072 2.929  1.00 0.00 ? 3 PMY A H29  1 
HETATM 147 H  HNI  . PMY B 2 . ? 6.803  0.402  4.833  1.00 0.00 ? 3 PMY A HNI  1 
HETATM 148 H  HNK  . PMY B 2 . ? 4.145  2.787  1.320  1.00 0.00 ? 3 PMY A HNK  1 
HETATM 149 H  H31  . PMY B 2 . ? 5.475  4.872  2.691  1.00 0.00 ? 3 PMY A H31  1 
HETATM 150 H  HBA  . PMY B 2 . ? 5.259  6.535  0.638  1.00 0.00 ? 3 PMY A HBA  1 
HETATM 151 H  HBB  . PMY B 2 . ? 3.709  6.302  1.428  1.00 0.00 ? 3 PMY A HBB  1 
HETATM 152 H  HBC  . PMY B 2 . ? 4.060  5.456  -0.072 1.00 0.00 ? 3 PMY A HBC  1 
HETATM 153 H  H33  . PMY B 2 . ? 5.872  3.597  -0.022 1.00 0.00 ? 3 PMY A H33  1 
HETATM 154 H  HO2  . PMY B 2 . ? 7.970  4.313  0.203  1.00 0.00 ? 3 PMY A HO2  1 
HETATM 155 H  H34  . PMY B 2 . ? 6.009  2.149  2.098  1.00 0.00 ? 3 PMY A H34  1 
HETATM 156 H  HCA  . PMY B 2 . ? 8.695  3.812  2.278  1.00 0.00 ? 3 PMY A HCA  1 
HETATM 157 H  HCB  . PMY B 2 . ? 8.372  2.483  3.352  1.00 0.00 ? 3 PMY A HCB  1 
HETATM 158 H  HCC  . PMY B 2 . ? 7.447  3.990  3.483  1.00 0.00 ? 3 PMY A HCC  1 
HETATM 159 H  HNL  . PMY B 2 . ? 6.900  0.228  1.631  1.00 0.00 ? 3 PMY A HNL  1 
HETATM 160 H  H37  . PMY B 2 . ? 9.268  -0.324 0.169  1.00 0.00 ? 3 PMY A H37  1 
HETATM 161 H  H38  . PMY B 2 . ? 8.028  -2.649 0.067  1.00 0.00 ? 3 PMY A H38  1 
HETATM 162 H  HO3  . PMY B 2 . ? 6.160  -1.920 0.223  1.00 0.00 ? 3 PMY A HO3  1 
HETATM 163 H  HDA  . PMY B 2 . ? 9.854  -1.850 1.848  1.00 0.00 ? 3 PMY A HDA  1 
HETATM 164 H  HDB  . PMY B 2 . ? 8.714  -2.971 2.568  1.00 0.00 ? 3 PMY A HDB  1 
HETATM 165 H  HDC  . PMY B 2 . ? 8.547  -1.228 2.836  1.00 0.00 ? 3 PMY A HDC  1 
HETATM 166 H  HNM  . PMY B 2 . ? 5.957  0.278  -1.235 1.00 0.00 ? 3 PMY A HNM  1 
HETATM 167 H  H1E  . PMY B 2 . ? 5.245  -0.354 -3.365 1.00 0.00 ? 3 PMY A H1E  1 
HETATM 168 H  H1X  . PMY B 2 . ? 6.719  -1.255 -3.587 1.00 0.00 ? 3 PMY A H1X  1 
HETATM 169 H  H2E  . PMY B 2 . ? 6.812  0.566  -5.093 1.00 0.00 ? 3 PMY A H2E  1 
HETATM 170 H  H2X  . PMY B 2 . ? 7.990  0.857  -3.812 1.00 0.00 ? 3 PMY A H2X  1 
HETATM 171 H  H44  . PMY B 2 . ? 4.996  5.252  -2.803 1.00 0.00 ? 3 PMY A H44  1 
HETATM 172 H  H47  . PMY B 2 . ? -0.367 3.181  -4.671 1.00 0.00 ? 3 PMY A H47  1 
HETATM 173 H  HNP  . PMY B 2 . ? -1.511 4.711  -3.942 1.00 0.00 ? 3 PMY A HNP  1 
HETATM 174 H  H6E  . PMY B 2 . ? -2.827 6.632  -4.053 1.00 0.00 ? 3 PMY A H6E  1 
HETATM 175 H  H6X  . PMY B 2 . ? -1.553 7.607  -3.357 1.00 0.00 ? 3 PMY A H6X  1 
HETATM 176 H  H7E  . PMY B 2 . ? -3.005 5.351  -1.968 1.00 0.00 ? 3 PMY A H7E  1 
HETATM 177 H  H7X  . PMY B 2 . ? -3.639 6.963  -1.867 1.00 0.00 ? 3 PMY A H7X  1 
HETATM 178 H  H8E  . PMY B 2 . ? -0.752 6.304  -1.080 1.00 0.00 ? 3 PMY A H8E  1 
HETATM 179 H  H8X  . PMY B 2 . ? -1.962 6.446  0.265  1.00 0.00 ? 3 PMY A H8X  1 
HETATM 180 H  HNQ  . PMY B 2 . ? -0.878 8.517  -1.567 1.00 0.00 ? 3 PMY A HNQ  1 
HETATM 181 H  HEA  . PMY B 2 . ? -0.825 9.567  1.825  1.00 0.00 ? 3 PMY A HEA  1 
HETATM 182 H  HEB  . PMY B 2 . ? -2.162 8.438  2.034  1.00 0.00 ? 3 PMY A HEB  1 
HETATM 183 H  HEC  . PMY B 2 . ? -2.453 10.168 2.004  1.00 0.00 ? 3 PMY A HEC  1 
HETATM 184 H  H54  . PMY B 2 . ? -3.129 9.117  -0.181 1.00 0.00 ? 3 PMY A H54  1 
HETATM 185 H  H57  . PMY B 2 . ? 0.458  10.151 -0.597 1.00 0.00 ? 3 PMY A H57  1 
HETATM 186 H  H58  . PMY B 2 . ? 1.185  12.332 -1.530 1.00 0.00 ? 3 PMY A H58  1 
HETATM 187 H  H59  . PMY B 2 . ? -0.428 14.039 -2.045 1.00 0.00 ? 3 PMY A H59  1 
HETATM 188 H  H60  . PMY B 2 . ? -2.783 13.682 -1.667 1.00 0.00 ? 3 PMY A H60  1 
HETATM 189 H  H61  . PMY B 2 . ? -3.612 11.582 -0.758 1.00 0.00 ? 3 PMY A H61  1 
HETATM 190 CO CO   . 3CO C 3 . ? 3.069  -0.137 1.568  1.00 0.00 ? 4 3CO A CO   1 
HETATM 191 O  O1   . PEO D 4 . ? 4.575  0.732  0.599  1.00 0.00 ? 5 PEO A O1   1 
HETATM 192 O  O2   . PEO D 4 . ? 4.242  1.589  -0.537 1.00 0.00 ? 5 PEO A O2   1 
HETATM 193 H  HO2  . PEO D 4 . ? 3.394  2.032  -0.468 1.00 0.00 ? 5 PEO A HO2  1 
# 
